data_6CB2
#
_entry.id   6CB2
#
_cell.length_a   109.880
_cell.length_b   146.080
_cell.length_c   40.190
_cell.angle_alpha   90.000
_cell.angle_beta   90.000
_cell.angle_gamma   90.000
#
_symmetry.space_group_name_H-M   'C 2 2 2'
#
loop_
_entity.id
_entity.type
_entity.pdbx_description
1 polymer Undecaprenyl-diphosphatase
2 non-polymer 'SULFATE ION'
3 non-polymer '(2R)-2,3-dihydroxypropyl (9Z)-octadec-9-enoate'
4 water water
#
_entity_poly.entity_id   1
_entity_poly.type   'polypeptide(L)'
_entity_poly.pdbx_seq_one_letter_code
;MGSSHHHHHHSSGLVPRGSHMSDMHSLLIAAILGVVEGLTEFLPVSSTGHMIIVGHLLGFEGDTAKTFEVVIQLGSILAV
VVMFWRRLFGLIGIHFGRPLQHEGESKGRLTLIHILLGMIPAVVLGLLFHDTIKSLFNPINVMYALVVGGLLLIAAECLK
PKEPRAPGLDDMTYRQAFMIGCFQCLALWPGFSRSGATISGGMLMGVSRYAASEFSFLLAVPMMMGATALDLYKSWGFLT
SGDIPMFAVGFITAFVVALIAIKTFLQLIKRISFIPFAIYRFIVAAAVYVVFF
;
_entity_poly.pdbx_strand_id   A
#
loop_
_chem_comp.id
_chem_comp.type
_chem_comp.name
_chem_comp.formula
OLC non-polymer '(2R)-2,3-dihydroxypropyl (9Z)-octadec-9-enoate' 'C21 H40 O4'
SO4 non-polymer 'SULFATE ION' 'O4 S -2'
#
# COMPACT_ATOMS: atom_id res chain seq x y z
N MET A 24 -23.07 -16.90 11.03
CA MET A 24 -23.82 -16.41 9.88
C MET A 24 -23.13 -15.20 9.25
N HIS A 25 -23.62 -14.80 8.07
CA HIS A 25 -23.11 -13.63 7.34
C HIS A 25 -21.63 -13.77 7.00
N SER A 26 -21.16 -15.00 6.81
CA SER A 26 -19.75 -15.20 6.52
C SER A 26 -19.36 -14.56 5.18
N LEU A 27 -20.23 -14.65 4.18
CA LEU A 27 -19.93 -13.99 2.91
C LEU A 27 -20.12 -12.48 2.99
N LEU A 28 -21.07 -12.01 3.79
CA LEU A 28 -21.27 -10.58 3.94
C LEU A 28 -20.11 -9.93 4.68
N ILE A 29 -19.58 -10.63 5.69
CA ILE A 29 -18.40 -10.12 6.39
C ILE A 29 -17.18 -10.12 5.47
N ALA A 30 -17.06 -11.15 4.62
CA ALA A 30 -15.93 -11.21 3.69
C ALA A 30 -15.97 -10.05 2.71
N ALA A 31 -17.16 -9.67 2.25
CA ALA A 31 -17.28 -8.59 1.29
C ALA A 31 -16.98 -7.25 1.93
N ILE A 32 -17.46 -7.03 3.17
CA ILE A 32 -17.19 -5.77 3.86
C ILE A 32 -15.69 -5.58 4.03
N LEU A 33 -14.99 -6.60 4.54
CA LEU A 33 -13.55 -6.49 4.69
C LEU A 33 -12.86 -6.35 3.35
N GLY A 34 -13.39 -7.01 2.31
CA GLY A 34 -12.82 -6.86 0.99
C GLY A 34 -12.94 -5.44 0.45
N VAL A 35 -14.07 -4.78 0.72
CA VAL A 35 -14.24 -3.37 0.36
C VAL A 35 -13.23 -2.52 1.12
N VAL A 36 -13.08 -2.74 2.42
CA VAL A 36 -12.15 -1.95 3.23
C VAL A 36 -10.72 -2.16 2.75
N GLU A 37 -10.36 -3.42 2.48
CA GLU A 37 -9.02 -3.71 1.96
C GLU A 37 -8.77 -3.01 0.63
N GLY A 38 -9.75 -3.07 -0.28
CA GLY A 38 -9.54 -2.54 -1.62
C GLY A 38 -9.48 -1.03 -1.64
N LEU A 39 -10.19 -0.38 -0.72
CA LEU A 39 -10.14 1.08 -0.66
C LEU A 39 -8.87 1.58 0.04
N THR A 40 -8.42 0.91 1.09
CA THR A 40 -7.38 1.46 1.96
C THR A 40 -5.98 0.92 1.68
N GLU A 41 -5.85 -0.15 0.90
CA GLU A 41 -4.52 -0.76 0.71
C GLU A 41 -3.59 0.20 -0.02
N PHE A 42 -4.08 0.92 -1.02
CA PHE A 42 -3.22 1.77 -1.82
C PHE A 42 -3.46 3.26 -1.62
N LEU A 43 -4.48 3.62 -0.87
CA LEU A 43 -4.60 4.99 -0.39
C LEU A 43 -3.74 5.14 0.86
N PRO A 44 -3.20 6.34 1.10
CA PRO A 44 -2.29 6.55 2.26
C PRO A 44 -3.04 6.69 3.58
N VAL A 45 -3.89 5.71 3.89
CA VAL A 45 -4.77 5.82 5.05
C VAL A 45 -4.66 4.60 5.97
N SER A 46 -3.75 3.68 5.64
CA SER A 46 -3.41 2.51 6.44
C SER A 46 -4.50 1.45 6.43
N SER A 47 -4.27 0.34 5.71
CA SER A 47 -5.26 -0.72 5.72
C SER A 47 -5.25 -1.48 7.05
N THR A 48 -4.07 -1.62 7.66
CA THR A 48 -3.99 -2.32 8.94
C THR A 48 -4.84 -1.62 10.00
N GLY A 49 -4.72 -0.30 10.11
CA GLY A 49 -5.59 0.44 11.01
C GLY A 49 -7.06 0.21 10.75
N HIS A 50 -7.48 0.26 9.49
CA HIS A 50 -8.90 0.02 9.21
C HIS A 50 -9.27 -1.44 9.43
N MET A 51 -8.35 -2.37 9.19
CA MET A 51 -8.66 -3.78 9.37
C MET A 51 -8.87 -4.12 10.85
N ILE A 52 -8.05 -3.57 11.75
CA ILE A 52 -8.22 -3.93 13.15
C ILE A 52 -9.48 -3.31 13.71
N ILE A 53 -9.88 -2.14 13.20
CA ILE A 53 -11.14 -1.53 13.63
C ILE A 53 -12.33 -2.36 13.17
N VAL A 54 -12.48 -2.53 11.84
CA VAL A 54 -13.63 -3.24 11.30
C VAL A 54 -13.62 -4.70 11.73
N GLY A 55 -12.44 -5.31 11.80
CA GLY A 55 -12.34 -6.67 12.28
C GLY A 55 -12.81 -6.82 13.72
N HIS A 56 -12.51 -5.83 14.57
CA HIS A 56 -12.96 -5.86 15.95
C HIS A 56 -14.46 -5.57 16.08
N LEU A 57 -15.00 -4.69 15.23
CA LEU A 57 -16.42 -4.38 15.28
C LEU A 57 -17.26 -5.54 14.77
N LEU A 58 -16.80 -6.21 13.73
CA LEU A 58 -17.47 -7.38 13.18
C LEU A 58 -17.20 -8.65 13.98
N GLY A 59 -16.47 -8.54 15.09
CA GLY A 59 -16.13 -9.71 15.89
C GLY A 59 -15.30 -10.75 15.18
N PHE A 60 -14.66 -10.37 14.06
CA PHE A 60 -13.86 -11.31 13.26
C PHE A 60 -12.39 -11.06 13.56
N GLU A 61 -11.90 -11.70 14.63
CA GLU A 61 -10.52 -11.64 15.04
C GLU A 61 -10.00 -13.06 15.26
N GLY A 62 -8.69 -13.17 15.42
CA GLY A 62 -8.06 -14.46 15.63
C GLY A 62 -7.20 -14.87 14.45
N ASP A 63 -6.71 -16.10 14.53
CA ASP A 63 -5.77 -16.59 13.52
C ASP A 63 -6.44 -16.72 12.16
N THR A 64 -7.70 -17.20 12.13
CA THR A 64 -8.40 -17.31 10.85
C THR A 64 -8.63 -15.95 10.22
N ALA A 65 -9.00 -14.95 11.05
CA ALA A 65 -9.20 -13.60 10.53
C ALA A 65 -7.90 -13.00 10.03
N LYS A 66 -6.81 -13.16 10.79
CA LYS A 66 -5.52 -12.65 10.34
C LYS A 66 -5.07 -13.34 9.06
N THR A 67 -5.28 -14.66 8.97
CA THR A 67 -4.99 -15.36 7.73
C THR A 67 -5.89 -14.88 6.60
N PHE A 68 -7.17 -14.61 6.91
CA PHE A 68 -8.08 -14.09 5.90
C PHE A 68 -7.59 -12.76 5.36
N GLU A 69 -7.15 -11.85 6.24
CA GLU A 69 -6.72 -10.53 5.80
C GLU A 69 -5.42 -10.58 5.03
N VAL A 70 -4.61 -11.63 5.20
CA VAL A 70 -3.45 -11.81 4.34
C VAL A 70 -3.86 -12.27 2.95
N VAL A 71 -4.88 -13.12 2.85
CA VAL A 71 -5.32 -13.61 1.55
C VAL A 71 -5.95 -12.50 0.72
N ILE A 72 -6.83 -11.70 1.32
CA ILE A 72 -7.49 -10.63 0.57
C ILE A 72 -6.50 -9.56 0.13
N GLN A 73 -5.29 -9.53 0.69
CA GLN A 73 -4.27 -8.60 0.18
C GLN A 73 -3.81 -8.99 -1.21
N LEU A 74 -3.80 -10.29 -1.52
CA LEU A 74 -3.48 -10.72 -2.88
C LEU A 74 -4.49 -10.20 -3.89
N GLY A 75 -5.76 -10.14 -3.49
CA GLY A 75 -6.75 -9.55 -4.37
C GLY A 75 -6.43 -8.11 -4.76
N SER A 76 -6.00 -7.31 -3.79
CA SER A 76 -5.67 -5.92 -4.11
C SER A 76 -4.39 -5.83 -4.94
N ILE A 77 -3.40 -6.68 -4.63
CA ILE A 77 -2.20 -6.77 -5.45
C ILE A 77 -2.55 -7.04 -6.90
N LEU A 78 -3.44 -8.01 -7.15
CA LEU A 78 -3.82 -8.35 -8.53
C LEU A 78 -4.40 -7.16 -9.28
N ALA A 79 -5.14 -6.28 -8.57
CA ALA A 79 -5.66 -5.08 -9.21
C ALA A 79 -4.54 -4.22 -9.79
N VAL A 80 -3.47 -3.98 -9.03
CA VAL A 80 -2.33 -3.23 -9.56
C VAL A 80 -1.71 -3.97 -10.73
N VAL A 81 -1.56 -5.30 -10.59
CA VAL A 81 -0.98 -6.12 -11.65
C VAL A 81 -1.79 -5.99 -12.93
N VAL A 82 -3.12 -5.97 -12.80
CA VAL A 82 -3.97 -5.86 -13.99
C VAL A 82 -3.91 -4.44 -14.55
N MET A 83 -3.95 -3.44 -13.67
CA MET A 83 -3.99 -2.05 -14.13
C MET A 83 -2.67 -1.63 -14.76
N PHE A 84 -1.55 -2.15 -14.25
CA PHE A 84 -0.22 -1.81 -14.72
C PHE A 84 0.45 -3.00 -15.41
N TRP A 85 -0.37 -3.83 -16.07
CA TRP A 85 0.09 -5.04 -16.73
C TRP A 85 1.25 -4.77 -17.68
N ARG A 86 1.05 -3.90 -18.67
CA ARG A 86 2.08 -3.67 -19.68
C ARG A 86 3.36 -3.11 -19.07
N ARG A 87 3.25 -2.17 -18.15
CA ARG A 87 4.47 -1.61 -17.56
C ARG A 87 5.19 -2.62 -16.67
N LEU A 88 4.44 -3.42 -15.91
CA LEU A 88 5.07 -4.38 -14.99
C LEU A 88 5.83 -5.45 -15.74
N PHE A 89 5.22 -6.03 -16.78
CA PHE A 89 5.94 -6.98 -17.62
C PHE A 89 7.04 -6.28 -18.41
N GLY A 90 6.84 -5.03 -18.81
CA GLY A 90 7.93 -4.29 -19.44
C GLY A 90 9.13 -4.16 -18.53
N LEU A 91 8.90 -3.91 -17.25
CA LEU A 91 10.00 -3.74 -16.30
C LEU A 91 10.87 -4.98 -16.21
N ILE A 92 10.27 -6.17 -16.29
CA ILE A 92 11.01 -7.42 -16.23
C ILE A 92 11.42 -7.90 -17.63
N GLY A 93 11.26 -7.07 -18.66
CA GLY A 93 11.81 -7.41 -19.94
C GLY A 93 10.91 -8.14 -20.91
N ILE A 94 9.60 -8.18 -20.67
CA ILE A 94 8.66 -8.86 -21.55
C ILE A 94 7.84 -7.79 -22.24
N HIS A 95 8.04 -7.63 -23.54
CA HIS A 95 7.27 -6.71 -24.36
C HIS A 95 6.98 -7.36 -25.69
N PHE A 96 5.70 -7.43 -26.08
CA PHE A 96 5.27 -8.14 -27.29
C PHE A 96 4.24 -7.29 -28.02
N GLY A 97 4.72 -6.27 -28.75
CA GLY A 97 3.83 -5.52 -29.61
C GLY A 97 3.84 -4.01 -29.43
N ARG A 98 2.69 -3.46 -29.05
CA ARG A 98 2.54 -2.01 -28.97
C ARG A 98 3.54 -1.43 -27.98
N PRO A 99 4.24 -0.35 -28.33
CA PRO A 99 5.18 0.27 -27.38
C PRO A 99 4.45 0.85 -26.17
N LEU A 100 5.10 0.76 -25.01
CA LEU A 100 4.51 1.23 -23.77
C LEU A 100 4.33 2.74 -23.79
N GLN A 101 3.22 3.21 -23.23
CA GLN A 101 2.96 4.64 -23.15
C GLN A 101 4.05 5.33 -22.33
N HIS A 102 4.52 6.46 -22.85
CA HIS A 102 5.57 7.24 -22.20
C HIS A 102 4.92 8.26 -21.24
N GLU A 103 5.25 8.16 -19.96
CA GLU A 103 4.66 8.99 -18.91
C GLU A 103 5.74 9.92 -18.34
N GLY A 104 5.91 11.08 -18.96
CA GLY A 104 6.90 12.01 -18.48
C GLY A 104 7.23 13.05 -19.52
N GLU A 105 7.95 14.07 -19.06
CA GLU A 105 8.39 15.17 -19.91
C GLU A 105 9.75 14.90 -20.55
N SER A 106 10.54 14.02 -19.98
CA SER A 106 11.85 13.71 -20.51
C SER A 106 11.74 12.49 -21.44
N LYS A 107 12.87 12.04 -21.98
CA LYS A 107 12.93 10.85 -22.80
C LYS A 107 13.37 9.62 -22.01
N GLY A 108 13.31 9.68 -20.68
CA GLY A 108 13.71 8.57 -19.85
C GLY A 108 12.61 7.52 -19.71
N ARG A 109 12.97 6.41 -19.06
CA ARG A 109 12.07 5.29 -18.86
C ARG A 109 12.33 4.67 -17.50
N LEU A 110 11.27 4.47 -16.73
CA LEU A 110 11.40 3.70 -15.51
C LEU A 110 11.94 2.32 -15.84
N THR A 111 12.89 1.84 -15.03
CA THR A 111 13.52 0.55 -15.25
C THR A 111 13.44 -0.29 -13.97
N LEU A 112 13.83 -1.54 -14.11
CA LEU A 112 13.89 -2.45 -12.97
C LEU A 112 14.88 -2.00 -11.92
N ILE A 113 15.91 -1.21 -12.28
CA ILE A 113 16.82 -0.68 -11.26
C ILE A 113 16.09 0.26 -10.31
N HIS A 114 15.20 1.11 -10.85
CA HIS A 114 14.38 1.96 -9.97
C HIS A 114 13.66 1.12 -8.95
N ILE A 115 13.02 0.03 -9.40
CA ILE A 115 12.26 -0.83 -8.50
C ILE A 115 13.18 -1.44 -7.44
N LEU A 116 14.35 -1.93 -7.87
CA LEU A 116 15.26 -2.59 -6.94
C LEU A 116 15.75 -1.61 -5.88
N LEU A 117 16.13 -0.40 -6.29
CA LEU A 117 16.55 0.61 -5.32
C LEU A 117 15.41 0.98 -4.37
N GLY A 118 14.17 0.96 -4.86
CA GLY A 118 13.03 1.18 -4.01
C GLY A 118 12.76 0.07 -3.00
N MET A 119 13.19 -1.16 -3.32
CA MET A 119 12.98 -2.31 -2.44
C MET A 119 14.10 -2.48 -1.42
N ILE A 120 15.35 -2.23 -1.84
CA ILE A 120 16.50 -2.65 -1.05
C ILE A 120 16.43 -2.19 0.42
N PRO A 121 16.21 -0.90 0.73
CA PRO A 121 16.27 -0.51 2.16
C PRO A 121 15.27 -1.24 3.04
N ALA A 122 13.99 -1.30 2.64
CA ALA A 122 13.00 -1.97 3.47
C ALA A 122 13.22 -3.48 3.54
N VAL A 123 13.79 -4.07 2.50
CA VAL A 123 14.08 -5.50 2.56
C VAL A 123 15.19 -5.78 3.56
N VAL A 124 16.24 -4.96 3.55
CA VAL A 124 17.34 -5.12 4.49
C VAL A 124 16.85 -4.98 5.93
N LEU A 125 16.18 -3.86 6.24
CA LEU A 125 15.76 -3.64 7.62
C LEU A 125 14.63 -4.56 8.04
N GLY A 126 13.76 -4.95 7.10
CA GLY A 126 12.65 -5.81 7.46
C GLY A 126 13.08 -7.20 7.91
N LEU A 127 14.11 -7.74 7.27
CA LEU A 127 14.60 -9.06 7.68
C LEU A 127 15.40 -8.99 8.97
N LEU A 128 16.13 -7.89 9.20
CA LEU A 128 16.91 -7.76 10.41
C LEU A 128 16.03 -7.48 11.63
N PHE A 129 15.03 -6.61 11.47
CA PHE A 129 14.12 -6.25 12.56
C PHE A 129 12.81 -7.03 12.52
N HIS A 130 12.85 -8.28 12.08
CA HIS A 130 11.62 -9.05 11.92
C HIS A 130 10.92 -9.26 13.26
N ASP A 131 11.67 -9.66 14.29
CA ASP A 131 11.06 -9.98 15.59
C ASP A 131 10.50 -8.74 16.27
N THR A 132 11.17 -7.59 16.13
CA THR A 132 10.67 -6.36 16.75
C THR A 132 9.41 -5.85 16.05
N ILE A 133 9.31 -6.01 14.73
CA ILE A 133 8.12 -5.60 14.00
C ILE A 133 6.91 -6.43 14.41
N LYS A 134 7.11 -7.72 14.70
CA LYS A 134 5.99 -8.59 15.05
C LYS A 134 5.26 -8.12 16.30
N SER A 135 5.98 -7.50 17.24
CA SER A 135 5.43 -7.06 18.51
C SER A 135 4.85 -5.65 18.46
N LEU A 136 4.80 -5.03 17.29
CA LEU A 136 4.32 -3.65 17.14
C LEU A 136 2.87 -3.57 16.67
N PHE A 137 2.15 -4.69 16.65
CA PHE A 137 0.76 -4.70 16.20
C PHE A 137 -0.23 -4.42 17.32
N ASN A 138 0.23 -3.85 18.43
CA ASN A 138 -0.69 -3.39 19.45
C ASN A 138 -1.46 -2.19 18.94
N PRO A 139 -2.76 -2.10 19.22
CA PRO A 139 -3.54 -0.93 18.75
C PRO A 139 -2.94 0.41 19.16
N ILE A 140 -2.28 0.50 20.32
CA ILE A 140 -1.69 1.78 20.73
C ILE A 140 -0.54 2.15 19.81
N ASN A 141 0.23 1.16 19.32
CA ASN A 141 1.30 1.47 18.37
C ASN A 141 0.75 1.84 17.00
N VAL A 142 -0.35 1.20 16.59
CA VAL A 142 -0.98 1.53 15.31
C VAL A 142 -1.52 2.96 15.34
N MET A 143 -2.18 3.34 16.44
CA MET A 143 -2.70 4.70 16.58
C MET A 143 -1.60 5.74 16.44
N TYR A 144 -0.45 5.53 17.09
CA TYR A 144 0.66 6.47 16.94
C TYR A 144 1.17 6.52 15.51
N ALA A 145 1.26 5.36 14.85
CA ALA A 145 1.73 5.32 13.46
C ALA A 145 0.77 6.05 12.53
N LEU A 146 -0.54 5.97 12.79
CA LEU A 146 -1.51 6.72 12.00
C LEU A 146 -1.26 8.22 12.09
N VAL A 147 -1.06 8.73 13.32
CA VAL A 147 -0.84 10.15 13.51
C VAL A 147 0.50 10.57 12.90
N VAL A 148 1.58 9.85 13.21
CA VAL A 148 2.89 10.24 12.69
C VAL A 148 2.90 10.17 11.16
N GLY A 149 2.32 9.10 10.60
CA GLY A 149 2.18 9.04 9.15
C GLY A 149 1.38 10.21 8.60
N GLY A 150 0.36 10.66 9.32
CA GLY A 150 -0.39 11.82 8.88
C GLY A 150 0.42 13.10 8.95
N LEU A 151 1.27 13.22 9.98
CA LEU A 151 2.14 14.39 10.09
C LEU A 151 3.17 14.43 8.97
N LEU A 152 3.66 13.27 8.55
CA LEU A 152 4.63 13.21 7.46
C LEU A 152 3.99 13.61 6.12
N LEU A 153 2.75 13.17 5.86
CA LEU A 153 2.05 13.63 4.66
C LEU A 153 1.95 15.15 4.62
N ILE A 154 1.59 15.76 5.75
CA ILE A 154 1.51 17.21 5.81
C ILE A 154 2.87 17.83 5.52
N ALA A 155 3.92 17.32 6.19
CA ALA A 155 5.25 17.86 5.95
C ALA A 155 5.63 17.76 4.47
N ALA A 156 5.37 16.60 3.85
CA ALA A 156 5.62 16.43 2.42
C ALA A 156 4.86 17.47 1.60
N GLU A 157 3.60 17.74 1.97
CA GLU A 157 2.85 18.76 1.23
C GLU A 157 3.43 20.15 1.46
N CYS A 158 3.92 20.44 2.66
CA CYS A 158 4.48 21.76 2.93
C CYS A 158 5.85 21.96 2.30
N LEU A 159 6.67 20.92 2.24
CA LEU A 159 8.08 21.05 1.89
C LEU A 159 8.40 20.66 0.46
N LYS A 160 7.46 20.06 -0.27
CA LYS A 160 7.77 19.61 -1.61
C LYS A 160 8.17 20.82 -2.47
N PRO A 161 9.03 20.62 -3.48
CA PRO A 161 9.42 21.73 -4.36
C PRO A 161 8.22 22.27 -5.12
N LYS A 162 8.29 23.56 -5.46
CA LYS A 162 7.23 24.18 -6.25
C LYS A 162 7.10 23.51 -7.61
N GLU A 163 8.22 23.17 -8.25
CA GLU A 163 8.25 22.55 -9.57
C GLU A 163 8.71 21.11 -9.41
N PRO A 164 7.89 20.11 -9.75
CA PRO A 164 8.32 18.72 -9.57
C PRO A 164 9.56 18.43 -10.39
N ARG A 165 10.48 17.65 -9.81
CA ARG A 165 11.66 17.23 -10.56
C ARG A 165 11.34 16.05 -11.49
N ALA A 166 10.39 15.20 -11.08
CA ALA A 166 9.88 14.10 -11.90
C ALA A 166 8.38 14.26 -12.07
N PRO A 167 7.93 14.98 -13.10
CA PRO A 167 6.47 15.11 -13.30
C PRO A 167 5.79 13.79 -13.58
N GLY A 168 6.39 12.94 -14.41
CA GLY A 168 5.84 11.65 -14.75
C GLY A 168 6.69 10.50 -14.22
N LEU A 169 6.07 9.33 -14.20
CA LEU A 169 6.74 8.13 -13.70
C LEU A 169 8.08 7.89 -14.41
N ASP A 170 8.14 8.14 -15.72
CA ASP A 170 9.33 7.86 -16.49
C ASP A 170 10.41 8.94 -16.36
N ASP A 171 10.14 10.01 -15.61
CA ASP A 171 11.14 11.03 -15.32
C ASP A 171 11.91 10.73 -14.05
N MET A 172 11.57 9.66 -13.34
CA MET A 172 12.17 9.38 -12.05
C MET A 172 13.63 8.98 -12.20
N THR A 173 14.46 9.40 -11.24
CA THR A 173 15.89 9.11 -11.21
C THR A 173 16.16 7.98 -10.22
N TYR A 174 17.37 7.40 -10.32
CA TYR A 174 17.78 6.39 -9.35
C TYR A 174 17.82 6.96 -7.93
N ARG A 175 18.27 8.21 -7.80
CA ARG A 175 18.34 8.84 -6.47
C ARG A 175 16.95 8.95 -5.85
N GLN A 176 15.97 9.45 -6.61
CA GLN A 176 14.61 9.52 -6.10
C GLN A 176 14.11 8.15 -5.68
N ALA A 177 14.32 7.14 -6.52
CA ALA A 177 13.83 5.80 -6.22
C ALA A 177 14.43 5.25 -4.93
N PHE A 178 15.74 5.42 -4.76
CA PHE A 178 16.40 4.91 -3.55
C PHE A 178 15.89 5.65 -2.31
N MET A 179 15.75 6.97 -2.40
CA MET A 179 15.24 7.75 -1.29
C MET A 179 13.82 7.30 -0.91
N ILE A 180 12.97 7.02 -1.92
CA ILE A 180 11.65 6.47 -1.64
C ILE A 180 11.76 5.13 -0.93
N GLY A 181 12.72 4.30 -1.36
CA GLY A 181 12.98 3.05 -0.66
C GLY A 181 13.35 3.28 0.79
N CYS A 182 14.18 4.29 1.06
CA CYS A 182 14.52 4.61 2.43
C CYS A 182 13.27 4.97 3.24
N PHE A 183 12.38 5.79 2.67
CA PHE A 183 11.15 6.14 3.38
C PHE A 183 10.23 4.93 3.56
N GLN A 184 10.29 3.94 2.67
CA GLN A 184 9.49 2.74 2.84
C GLN A 184 9.85 1.99 4.12
N CYS A 185 11.05 2.20 4.65
CA CYS A 185 11.40 1.59 5.94
C CYS A 185 10.46 2.05 7.05
N LEU A 186 9.90 3.26 6.95
CA LEU A 186 8.92 3.69 7.94
C LEU A 186 7.67 2.80 7.95
N ALA A 187 7.32 2.22 6.79
CA ALA A 187 6.17 1.33 6.70
C ALA A 187 6.35 0.06 7.51
N LEU A 188 7.58 -0.25 7.94
CA LEU A 188 7.77 -1.39 8.82
C LEU A 188 7.07 -1.18 10.15
N TRP A 189 6.66 0.05 10.45
CA TRP A 189 5.87 0.39 11.62
C TRP A 189 4.40 0.16 11.29
N PRO A 190 3.78 -0.86 11.86
CA PRO A 190 2.36 -1.15 11.55
C PRO A 190 1.47 0.05 11.82
N GLY A 191 0.68 0.43 10.82
CA GLY A 191 -0.21 1.57 10.89
C GLY A 191 0.29 2.79 10.15
N PHE A 192 1.59 2.83 9.84
CA PHE A 192 2.18 3.99 9.18
C PHE A 192 1.71 4.13 7.74
N SER A 193 1.39 3.00 7.10
CA SER A 193 0.92 2.92 5.72
C SER A 193 2.10 2.96 4.75
N ARG A 194 2.28 1.87 4.00
CA ARG A 194 3.35 1.84 3.00
C ARG A 194 3.13 2.89 1.92
N SER A 195 1.88 3.10 1.51
CA SER A 195 1.62 4.10 0.48
C SER A 195 1.91 5.50 1.00
N GLY A 196 1.54 5.77 2.25
CA GLY A 196 1.81 7.05 2.84
C GLY A 196 3.30 7.36 2.93
N ALA A 197 4.09 6.39 3.41
CA ALA A 197 5.53 6.57 3.53
C ALA A 197 6.19 6.80 2.17
N THR A 198 5.85 5.99 1.17
CA THR A 198 6.54 6.08 -0.11
C THR A 198 6.07 7.28 -0.92
N ILE A 199 4.78 7.61 -0.85
CA ILE A 199 4.30 8.79 -1.56
C ILE A 199 4.90 10.06 -0.94
N SER A 200 4.95 10.12 0.40
CA SER A 200 5.57 11.25 1.09
C SER A 200 7.03 11.42 0.67
N GLY A 201 7.80 10.32 0.76
CA GLY A 201 9.19 10.39 0.34
C GLY A 201 9.34 10.85 -1.10
N GLY A 202 8.49 10.34 -2.00
CA GLY A 202 8.55 10.77 -3.39
C GLY A 202 8.30 12.26 -3.55
N MET A 203 7.25 12.78 -2.91
N MET A 203 7.26 12.78 -2.90
CA MET A 203 6.98 14.22 -3.00
CA MET A 203 6.98 14.21 -3.00
C MET A 203 8.13 15.03 -2.44
C MET A 203 8.12 15.04 -2.42
N LEU A 204 8.72 14.58 -1.33
CA LEU A 204 9.88 15.26 -0.76
C LEU A 204 11.10 15.16 -1.65
N MET A 205 11.14 14.18 -2.56
CA MET A 205 12.20 14.11 -3.55
C MET A 205 11.82 14.77 -4.86
N GLY A 206 10.74 15.56 -4.89
CA GLY A 206 10.35 16.24 -6.10
C GLY A 206 9.62 15.39 -7.12
N VAL A 207 9.17 14.20 -6.76
CA VAL A 207 8.29 13.44 -7.65
C VAL A 207 6.87 13.96 -7.46
N SER A 208 6.17 14.17 -8.57
CA SER A 208 4.80 14.68 -8.51
C SER A 208 3.91 13.71 -7.72
N ARG A 209 2.79 14.24 -7.22
CA ARG A 209 1.83 13.40 -6.51
C ARG A 209 1.42 12.21 -7.35
N TYR A 210 1.09 12.45 -8.62
CA TYR A 210 0.63 11.38 -9.50
C TYR A 210 1.72 10.32 -9.69
N ALA A 211 2.91 10.75 -10.09
CA ALA A 211 4.01 9.80 -10.35
C ALA A 211 4.42 9.06 -9.10
N ALA A 212 4.44 9.74 -7.96
CA ALA A 212 4.84 9.10 -6.71
C ALA A 212 3.81 8.04 -6.30
N SER A 213 2.53 8.32 -6.53
CA SER A 213 1.51 7.33 -6.28
C SER A 213 1.69 6.10 -7.18
N GLU A 214 1.86 6.32 -8.48
CA GLU A 214 2.12 5.21 -9.39
C GLU A 214 3.31 4.39 -8.93
N PHE A 215 4.46 5.04 -8.69
CA PHE A 215 5.66 4.31 -8.29
C PHE A 215 5.41 3.55 -6.99
N SER A 216 4.66 4.15 -6.06
CA SER A 216 4.26 3.45 -4.85
C SER A 216 3.48 2.17 -5.18
N PHE A 217 2.55 2.25 -6.12
CA PHE A 217 1.77 1.06 -6.49
C PHE A 217 2.67 0.02 -7.14
N LEU A 218 3.54 0.44 -8.05
CA LEU A 218 4.42 -0.53 -8.70
C LEU A 218 5.36 -1.18 -7.68
N LEU A 219 5.91 -0.36 -6.78
CA LEU A 219 6.80 -0.91 -5.76
C LEU A 219 6.07 -1.87 -4.84
N ALA A 220 4.78 -1.64 -4.61
CA ALA A 220 4.02 -2.50 -3.71
C ALA A 220 3.92 -3.93 -4.22
N VAL A 221 4.01 -4.17 -5.53
CA VAL A 221 3.78 -5.51 -6.07
C VAL A 221 4.86 -6.47 -5.60
N PRO A 222 6.15 -6.23 -5.87
CA PRO A 222 7.16 -7.15 -5.33
C PRO A 222 7.24 -7.14 -3.81
N MET A 223 7.00 -6.00 -3.16
CA MET A 223 7.08 -5.96 -1.70
C MET A 223 5.96 -6.79 -1.07
N MET A 224 4.72 -6.61 -1.53
CA MET A 224 3.61 -7.31 -0.89
C MET A 224 3.56 -8.78 -1.29
N MET A 225 3.90 -9.11 -2.53
CA MET A 225 3.89 -10.53 -2.93
C MET A 225 4.88 -11.33 -2.10
N GLY A 226 6.07 -10.79 -1.87
CA GLY A 226 7.02 -11.46 -1.00
C GLY A 226 6.56 -11.49 0.44
N ALA A 227 5.99 -10.38 0.92
CA ALA A 227 5.52 -10.34 2.30
C ALA A 227 4.32 -11.27 2.51
N THR A 228 3.39 -11.29 1.55
CA THR A 228 2.23 -12.19 1.67
C THR A 228 2.65 -13.65 1.60
N ALA A 229 3.61 -13.98 0.72
CA ALA A 229 4.09 -15.35 0.63
C ALA A 229 4.77 -15.79 1.93
N LEU A 230 5.44 -14.87 2.62
CA LEU A 230 6.03 -15.19 3.92
C LEU A 230 4.95 -15.34 5.00
N ASP A 231 3.90 -14.52 4.93
CA ASP A 231 2.81 -14.65 5.90
C ASP A 231 1.98 -15.90 5.64
N LEU A 232 1.68 -16.20 4.37
CA LEU A 232 0.90 -17.40 4.05
C LEU A 232 1.65 -18.68 4.39
N TYR A 233 2.99 -18.67 4.26
CA TYR A 233 3.76 -19.87 4.57
C TYR A 233 3.73 -20.20 6.05
N LYS A 234 3.80 -19.19 6.91
CA LYS A 234 3.88 -19.41 8.35
C LYS A 234 2.51 -19.58 9.01
N SER A 235 1.43 -19.26 8.30
CA SER A 235 0.08 -19.41 8.81
C SER A 235 -0.78 -20.24 7.87
N TRP A 236 -0.18 -21.27 7.29
CA TRP A 236 -0.87 -22.16 6.36
C TRP A 236 -1.94 -23.02 7.04
N GLY A 237 -2.12 -22.89 8.35
CA GLY A 237 -3.11 -23.66 9.07
C GLY A 237 -4.50 -23.05 9.03
N PHE A 238 -5.42 -23.70 8.32
CA PHE A 238 -6.79 -23.23 8.19
C PHE A 238 -7.67 -24.42 7.82
N LEU A 239 -8.98 -24.19 7.80
CA LEU A 239 -9.91 -25.21 7.33
C LEU A 239 -9.58 -25.56 5.88
N THR A 240 -9.53 -26.86 5.60
CA THR A 240 -9.13 -27.31 4.26
C THR A 240 -10.03 -26.71 3.18
N SER A 241 -11.34 -26.80 3.35
CA SER A 241 -12.29 -26.25 2.40
C SER A 241 -13.32 -25.32 3.03
N GLY A 242 -13.39 -25.24 4.36
CA GLY A 242 -14.41 -24.42 4.98
C GLY A 242 -14.17 -22.93 4.77
N ASP A 243 -12.91 -22.51 4.75
CA ASP A 243 -12.59 -21.11 4.54
C ASP A 243 -12.58 -20.71 3.07
N ILE A 244 -12.77 -21.66 2.16
CA ILE A 244 -12.73 -21.32 0.72
C ILE A 244 -13.83 -20.34 0.34
N PRO A 245 -15.09 -20.52 0.72
CA PRO A 245 -16.10 -19.51 0.35
C PRO A 245 -15.81 -18.11 0.90
N MET A 246 -15.41 -18.00 2.17
CA MET A 246 -15.06 -16.68 2.71
C MET A 246 -13.83 -16.11 2.03
N PHE A 247 -12.78 -16.92 1.88
CA PHE A 247 -11.55 -16.39 1.30
C PHE A 247 -11.73 -16.00 -0.15
N ALA A 248 -12.58 -16.73 -0.89
CA ALA A 248 -12.83 -16.37 -2.29
C ALA A 248 -13.58 -15.05 -2.39
N VAL A 249 -14.65 -14.88 -1.62
CA VAL A 249 -15.44 -13.67 -1.71
C VAL A 249 -14.62 -12.46 -1.29
N GLY A 250 -13.85 -12.58 -0.22
CA GLY A 250 -12.98 -11.48 0.19
C GLY A 250 -11.94 -11.15 -0.86
N PHE A 251 -11.24 -12.18 -1.36
CA PHE A 251 -10.21 -11.97 -2.38
C PHE A 251 -10.78 -11.24 -3.59
N ILE A 252 -11.91 -11.72 -4.11
CA ILE A 252 -12.48 -11.17 -5.33
C ILE A 252 -13.02 -9.75 -5.10
N THR A 253 -13.61 -9.49 -3.94
CA THR A 253 -14.10 -8.14 -3.64
C THR A 253 -12.95 -7.15 -3.54
N ALA A 254 -11.87 -7.53 -2.83
CA ALA A 254 -10.73 -6.62 -2.70
C ALA A 254 -10.15 -6.26 -4.07
N PHE A 255 -10.21 -7.20 -5.01
CA PHE A 255 -9.69 -6.98 -6.36
C PHE A 255 -10.50 -5.91 -7.08
N VAL A 256 -11.83 -6.05 -7.09
CA VAL A 256 -12.69 -5.11 -7.81
C VAL A 256 -12.63 -3.73 -7.19
N VAL A 257 -12.69 -3.66 -5.86
CA VAL A 257 -12.69 -2.36 -5.19
C VAL A 257 -11.35 -1.66 -5.36
N ALA A 258 -10.25 -2.42 -5.29
CA ALA A 258 -8.93 -1.84 -5.52
C ALA A 258 -8.79 -1.33 -6.94
N LEU A 259 -9.33 -2.05 -7.94
CA LEU A 259 -9.36 -1.52 -9.30
C LEU A 259 -10.04 -0.16 -9.34
N ILE A 260 -11.22 -0.04 -8.73
CA ILE A 260 -11.94 1.23 -8.77
C ILE A 260 -11.18 2.28 -7.97
N ALA A 261 -10.69 1.90 -6.79
CA ALA A 261 -10.05 2.85 -5.90
C ALA A 261 -8.79 3.45 -6.51
N ILE A 262 -7.92 2.59 -7.06
CA ILE A 262 -6.70 3.06 -7.70
C ILE A 262 -7.03 4.00 -8.85
N LYS A 263 -7.92 3.57 -9.75
CA LYS A 263 -8.28 4.43 -10.87
C LYS A 263 -8.85 5.75 -10.38
N THR A 264 -9.78 5.69 -9.41
CA THR A 264 -10.39 6.92 -8.90
C THR A 264 -9.35 7.79 -8.20
N PHE A 265 -8.48 7.16 -7.41
CA PHE A 265 -7.44 7.91 -6.70
C PHE A 265 -6.52 8.66 -7.66
N LEU A 266 -6.03 7.98 -8.69
CA LEU A 266 -5.11 8.62 -9.62
C LEU A 266 -5.78 9.80 -10.33
N GLN A 267 -7.07 9.67 -10.67
CA GLN A 267 -7.81 10.81 -11.21
C GLN A 267 -8.03 11.88 -10.13
N LEU A 268 -8.27 11.46 -8.89
CA LEU A 268 -8.53 12.39 -7.81
C LEU A 268 -7.28 13.18 -7.43
N ILE A 269 -6.15 12.50 -7.26
CA ILE A 269 -4.94 13.16 -6.79
C ILE A 269 -4.41 14.20 -7.76
N LYS A 270 -4.93 14.23 -9.00
CA LYS A 270 -4.47 15.22 -9.98
C LYS A 270 -4.94 16.62 -9.65
N ARG A 271 -5.95 16.79 -8.79
CA ARG A 271 -6.46 18.11 -8.49
C ARG A 271 -6.72 18.33 -6.99
N ILE A 272 -6.38 17.37 -6.12
CA ILE A 272 -6.42 17.60 -4.69
C ILE A 272 -5.09 17.15 -4.08
N SER A 273 -4.83 17.64 -2.87
CA SER A 273 -3.60 17.31 -2.15
C SER A 273 -3.87 16.19 -1.16
N PHE A 274 -2.82 15.83 -0.42
CA PHE A 274 -2.92 14.79 0.60
C PHE A 274 -3.36 15.31 1.96
N ILE A 275 -3.58 16.62 2.09
CA ILE A 275 -4.10 17.16 3.35
C ILE A 275 -5.37 16.45 3.81
N PRO A 276 -6.40 16.26 2.97
CA PRO A 276 -7.59 15.54 3.46
C PRO A 276 -7.28 14.15 3.96
N PHE A 277 -6.35 13.44 3.30
CA PHE A 277 -5.97 12.11 3.77
C PHE A 277 -5.29 12.19 5.12
N ALA A 278 -4.44 13.21 5.34
CA ALA A 278 -3.79 13.36 6.63
C ALA A 278 -4.80 13.63 7.74
N ILE A 279 -5.74 14.54 7.51
CA ILE A 279 -6.78 14.81 8.50
C ILE A 279 -7.57 13.54 8.79
N TYR A 280 -7.93 12.79 7.75
CA TYR A 280 -8.68 11.56 7.95
C TYR A 280 -7.93 10.55 8.79
N ARG A 281 -6.61 10.47 8.65
CA ARG A 281 -5.84 9.55 9.48
C ARG A 281 -5.95 9.91 10.95
N PHE A 282 -6.07 11.21 11.27
CA PHE A 282 -6.22 11.59 12.68
C PHE A 282 -7.54 11.10 13.23
N ILE A 283 -8.60 11.09 12.41
CA ILE A 283 -9.88 10.56 12.80
C ILE A 283 -9.80 9.05 13.01
N VAL A 284 -9.06 8.35 12.14
CA VAL A 284 -8.92 6.90 12.29
C VAL A 284 -8.15 6.58 13.57
N ALA A 285 -7.12 7.37 13.88
CA ALA A 285 -6.41 7.19 15.14
C ALA A 285 -7.33 7.35 16.34
N ALA A 286 -8.20 8.36 16.31
CA ALA A 286 -9.18 8.49 17.38
C ALA A 286 -10.14 7.30 17.41
N ALA A 287 -10.50 6.78 16.23
CA ALA A 287 -11.37 5.60 16.18
C ALA A 287 -10.68 4.40 16.82
N VAL A 288 -9.39 4.22 16.55
CA VAL A 288 -8.62 3.12 17.17
C VAL A 288 -8.67 3.20 18.68
N TYR A 289 -8.55 4.42 19.24
CA TYR A 289 -8.56 4.56 20.69
C TYR A 289 -9.91 4.20 21.27
N VAL A 290 -10.99 4.71 20.69
CA VAL A 290 -12.32 4.49 21.25
C VAL A 290 -12.74 3.03 21.12
N VAL A 291 -12.34 2.38 20.03
CA VAL A 291 -12.76 0.99 19.80
C VAL A 291 -12.04 0.05 20.76
N PHE A 292 -10.74 0.28 21.00
CA PHE A 292 -9.95 -0.64 21.81
C PHE A 292 -9.75 -0.16 23.24
N PHE A 293 -9.93 1.13 23.53
CA PHE A 293 -9.73 1.64 24.88
C PHE A 293 -10.91 2.50 25.33
S SO4 B . 11.61 24.99 -6.28
O1 SO4 B . 10.96 24.32 -7.40
O2 SO4 B . 12.86 24.31 -5.94
O3 SO4 B . 10.75 24.98 -5.09
O4 SO4 B . 11.89 26.38 -6.67
S SO4 C . 16.64 18.11 -5.90
O1 SO4 C . 16.73 17.77 -7.32
O2 SO4 C . 17.67 17.43 -5.13
O3 SO4 C . 16.79 19.56 -5.77
O4 SO4 C . 15.35 17.68 -5.38
S SO4 D . -22.72 -18.91 7.20
O1 SO4 D . -21.61 -19.17 8.12
O2 SO4 D . -22.61 -19.80 6.04
O3 SO4 D . -22.67 -17.52 6.75
O4 SO4 D . -23.98 -19.16 7.88
S SO4 E . 7.31 -15.24 12.90
O1 SO4 E . 7.32 -14.89 11.48
O2 SO4 E . 8.33 -16.24 13.16
O3 SO4 E . 7.59 -14.04 13.69
O4 SO4 E . 5.99 -15.76 13.26
C18 OLC F . 18.80 2.25 5.01
C10 OLC F . 22.21 0.48 -2.40
C9 OLC F . 22.48 1.01 -3.58
C17 OLC F . 19.43 0.94 4.56
C11 OLC F . 23.32 -0.10 -1.53
C8 OLC F . 23.92 1.05 -4.13
C24 OLC F . 20.45 9.03 -12.68
C16 OLC F . 20.07 1.11 3.18
C12 OLC F . 22.67 -0.84 -0.35
C7 OLC F . 24.08 2.31 -5.00
C15 OLC F . 21.18 0.06 3.01
C13 OLC F . 22.29 0.15 0.75
C6 OLC F . 23.49 2.12 -6.39
C14 OLC F . 21.19 -0.50 1.59
C5 OLC F . 24.05 3.22 -7.29
C4 OLC F . 23.31 3.31 -8.63
C3 OLC F . 24.05 4.27 -9.57
C2 OLC F . 23.16 5.45 -9.94
C21 OLC F . 22.02 7.75 -11.15
C1 OLC F . 24.00 6.61 -10.50
C22 OLC F . 21.68 8.11 -12.61
O19 OLC F . 25.18 6.48 -10.58
O25 OLC F . 19.24 8.32 -12.83
O23 OLC F . 22.78 8.77 -13.17
O20 OLC F . 23.40 7.82 -10.91
C18 OLC G . 7.78 -6.61 -10.68
C10 OLC G . 16.19 -7.89 -10.42
C9 OLC G . 17.39 -7.55 -10.83
C17 OLC G . 9.28 -6.43 -10.56
C11 OLC G . 15.82 -7.91 -8.93
C8 OLC G . 18.49 -7.14 -9.85
C24 OLC G . 24.36 -0.93 -15.32
C16 OLC G . 9.83 -7.38 -9.49
C12 OLC G . 14.37 -8.38 -8.75
C7 OLC G . 19.33 -8.35 -9.42
C15 OLC G . 11.34 -7.47 -9.63
C13 OLC G . 13.46 -7.21 -8.34
C6 OLC G . 20.34 -7.97 -8.35
C14 OLC G . 12.00 -7.68 -8.27
C5 OLC G . 21.71 -7.72 -8.98
C4 OLC G . 21.89 -6.21 -9.16
C3 OLC G . 22.44 -5.94 -10.56
C2 OLC G . 21.98 -4.55 -11.01
C21 OLC G . 23.90 -2.15 -13.20
C1 OLC G . 22.99 -3.94 -11.99
C22 OLC G . 23.39 -1.85 -14.60
O19 OLC G . 23.91 -4.58 -12.37
O25 OLC G . 24.76 -1.54 -16.52
O23 OLC G . 23.28 -3.06 -15.30
O20 OLC G . 22.82 -2.63 -12.44
C18 OLC H . 4.47 -8.35 -12.16
C10 OLC H . -1.82 -14.42 -12.57
C9 OLC H . -2.94 -13.87 -13.01
C17 OLC H . 4.40 -9.46 -13.19
C11 OLC H . -0.78 -13.56 -11.86
C8 OLC H . -3.99 -14.71 -13.73
C24 OLC H . -4.05 -3.61 -19.00
C16 OLC H . 3.07 -10.21 -13.07
C12 OLC H . -0.43 -12.35 -12.73
C7 OLC H . -5.03 -13.80 -14.38
C15 OLC H . 3.27 -11.57 -12.41
C13 OLC H . 1.04 -12.43 -13.15
C6 OLC H . -4.43 -13.13 -15.60
C14 OLC H . 1.93 -12.13 -11.94
C5 OLC H . -5.26 -11.91 -16.00
C4 OLC H . -4.56 -11.16 -17.13
C3 OLC H . -5.10 -9.72 -17.21
C2 OLC H . -4.31 -8.94 -18.25
C21 OLC H . -5.20 -5.65 -19.81
C1 OLC H . -5.05 -7.64 -18.61
C22 OLC H . -4.39 -4.44 -20.23
O19 OLC H . -6.21 -7.53 -18.40
O25 OLC H . -5.15 -2.84 -18.62
O23 OLC H . -3.21 -4.87 -20.84
O20 OLC H . -4.36 -6.59 -19.21
C18 OLC I . -19.51 -2.59 11.25
C10 OLC I . -17.67 2.19 2.88
C9 OLC I . -17.14 3.32 2.48
C17 OLC I . -18.41 -2.01 10.37
C11 OLC I . -17.44 1.68 4.31
C8 OLC I . -16.28 4.17 3.43
C24 OLC I . -9.67 12.49 0.69
C16 OLC I . -19.03 -1.21 9.22
C12 OLC I . -18.24 0.41 4.56
C7 OLC I . -14.80 3.90 3.16
C15 OLC I . -17.95 -0.85 8.19
C13 OLC I . -17.65 -0.33 5.76
C6 OLC I . -13.94 4.36 4.33
C14 OLC I . -18.59 -0.20 6.97
C5 OLC I . -12.50 4.58 3.84
C4 OLC I . -12.54 5.61 2.70
C3 OLC I . -11.12 5.99 2.30
C2 OLC I . -10.67 7.16 3.16
C21 OLC I . -9.77 10.67 2.40
C1 OLC I . -10.45 8.40 2.32
C22 OLC I . -10.57 11.78 1.70
O19 OLC I . -10.11 8.30 1.19
O25 OLC I . -10.51 13.16 -0.22
O23 OLC I . -11.64 11.22 1.01
O20 OLC I . -10.64 9.68 2.87
C18 OLC J . 10.66 -9.57 -2.50
C10 OLC J . 7.51 -6.46 5.81
C9 OLC J . 6.64 -5.56 5.38
C17 OLC J . 10.96 -9.69 -1.01
C11 OLC J . 8.96 -6.39 5.35
C8 OLC J . 5.18 -5.62 5.84
C24 OLC J . -0.19 0.34 2.55
C16 OLC J . 9.88 -8.95 -0.22
C12 OLC J . 9.05 -6.47 3.82
C7 OLC J . 5.11 -5.43 7.35
C15 OLC J . 10.16 -9.05 1.29
C13 OLC J . 9.66 -7.81 3.40
C6 OLC J . 4.85 -3.95 7.69
C14 OLC J . 9.14 -8.19 2.02
C5 OLC J . 3.44 -3.82 8.23
C4 OLC J . 2.68 -2.76 7.45
C3 OLC J . 1.20 -2.77 7.87
C2 OLC J . 0.71 -1.37 8.20
C21 OLC J . 0.10 -0.82 4.74
C1 OLC J . -0.07 -0.73 7.05
C22 OLC J . -0.72 0.21 3.97
O19 OLC J . -1.25 -0.66 7.09
O25 OLC J . -0.47 1.64 2.10
O23 OLC J . -2.06 -0.20 3.91
O20 OLC J . 0.59 -0.25 5.92
#